data_7ZM1
#
_entry.id   7ZM1
#
_cell.length_a   76.865
_cell.length_b   78.386
_cell.length_c   92.043
_cell.angle_alpha   90.000
_cell.angle_beta   90.000
_cell.angle_gamma   90.000
#
_symmetry.space_group_name_H-M   'P 21 2 21'
#
loop_
_entity.id
_entity.type
_entity.pdbx_description
1 polymer '4,5:9,10-diseco-3-hydroxy-5,9,17-trioxoandrosta-1(10),2-diene-4-oate hydrolase'
2 non-polymer 'methoxy-[(~{E},3~{R})-3-[(2~{R})-1-methoxy-1,3-bis(oxidanylidene)butan-2-yl]tridec-11-enyl]phosphinous acid'
3 non-polymer 'SULFATE ION'
4 water water
#
_entity_poly.entity_id   1
_entity_poly.type   'polypeptide(L)'
_entity_poly.pdbx_seq_one_letter_code
;MTATEELTFESTSRFAEVDVDGPLKLHYHEAGVGNDQTVVLLHGGGPGAASWTNFSRNIAVLARHFHVLAVDQPGYGHSD
KRAEHGQFNRYAAMALKGLFDQLGLGRVPLVGNSLGGGTAVRFALDYPARAGRLVLMGPGGLSINLFAPDPTEGVKRLSK
FSVAPTRENLEAFLRVMVYDKNLITPELVDQRFALASTPESLTATRAMGKSFAGADFEAGMMWREVYRLRQPVLLIWGRE
DRVNPLDGALVALKTIPRAQLHVFGQCGHWVQVEKFDEFNKLTIEFLGGGRKLHHHHHH
;
_entity_poly.pdbx_strand_id   A,B
#
# COMPACT_ATOMS: atom_id res chain seq x y z
N LEU A 7 34.88 12.43 -13.74
CA LEU A 7 33.91 12.84 -12.65
C LEU A 7 33.68 11.63 -11.76
N THR A 8 34.39 11.56 -10.65
CA THR A 8 34.36 10.38 -9.75
C THR A 8 33.95 10.83 -8.36
N PHE A 9 33.73 9.87 -7.46
CA PHE A 9 33.45 10.19 -6.04
C PHE A 9 34.54 11.11 -5.51
N GLU A 10 35.78 10.78 -5.82
CA GLU A 10 36.99 11.39 -5.20
C GLU A 10 37.15 12.79 -5.80
N SER A 11 37.16 12.92 -7.14
CA SER A 11 37.38 14.22 -7.83
C SER A 11 36.27 15.20 -7.44
N THR A 12 35.05 14.76 -7.12
CA THR A 12 33.91 15.69 -6.86
C THR A 12 33.72 15.96 -5.36
N SER A 13 34.35 15.18 -4.49
CA SER A 13 34.16 15.22 -3.02
C SER A 13 34.55 16.58 -2.41
N ARG A 14 33.73 17.07 -1.49
CA ARG A 14 33.92 18.37 -0.78
C ARG A 14 33.36 18.22 0.62
N PHE A 15 33.89 19.01 1.54
CA PHE A 15 33.40 19.18 2.92
C PHE A 15 33.21 20.66 3.15
N ALA A 16 32.23 20.99 3.93
CA ALA A 16 32.03 22.32 4.54
C ALA A 16 31.64 22.08 5.99
N GLU A 17 32.06 23.00 6.85
CA GLU A 17 31.70 22.99 8.27
C GLU A 17 30.68 24.11 8.39
N VAL A 18 29.45 23.82 8.79
CA VAL A 18 28.42 24.88 8.90
C VAL A 18 28.00 24.90 10.38
N ASP A 19 27.21 25.90 10.74
CA ASP A 19 26.74 26.08 12.13
C ASP A 19 25.26 25.72 12.19
N VAL A 20 24.90 24.73 12.98
CA VAL A 20 23.52 24.39 13.41
C VAL A 20 23.59 24.01 14.89
N ASP A 21 23.43 25.00 15.77
CA ASP A 21 23.64 24.83 17.24
C ASP A 21 25.03 24.28 17.45
N GLY A 22 25.98 24.67 16.64
CA GLY A 22 27.36 24.17 16.76
C GLY A 22 27.82 23.65 15.43
N PRO A 23 29.12 23.35 15.32
CA PRO A 23 29.70 22.91 14.06
C PRO A 23 29.02 21.63 13.54
N LEU A 24 28.87 21.56 12.21
CA LEU A 24 28.25 20.40 11.53
C LEU A 24 28.97 20.21 10.20
N LYS A 25 29.69 19.12 10.03
CA LYS A 25 30.40 18.85 8.77
C LYS A 25 29.39 18.20 7.83
N LEU A 26 29.28 18.79 6.66
CA LEU A 26 28.52 18.25 5.53
C LEU A 26 29.53 17.83 4.49
N HIS A 27 29.26 16.69 3.91
CA HIS A 27 29.97 16.22 2.73
C HIS A 27 29.01 16.45 1.56
N TYR A 28 29.56 16.88 0.43
CA TYR A 28 28.79 17.03 -0.81
C TYR A 28 29.67 16.73 -2.01
N HIS A 29 29.07 16.70 -3.18
CA HIS A 29 29.79 16.45 -4.45
C HIS A 29 29.47 17.65 -5.33
N GLU A 30 30.46 18.16 -6.01
CA GLU A 30 30.37 19.38 -6.82
C GLU A 30 30.88 19.06 -8.23
N ALA A 31 30.15 19.49 -9.26
CA ALA A 31 30.56 19.34 -10.69
C ALA A 31 29.96 20.46 -11.55
N GLY A 32 30.44 20.63 -12.79
CA GLY A 32 29.98 21.69 -13.68
C GLY A 32 30.31 23.07 -13.15
N VAL A 33 31.46 23.18 -12.54
CA VAL A 33 31.99 24.47 -11.98
C VAL A 33 32.09 25.45 -13.16
N GLY A 34 32.22 24.95 -14.38
CA GLY A 34 32.13 25.78 -15.61
C GLY A 34 30.79 26.51 -15.84
N ASN A 35 29.68 26.14 -15.21
CA ASN A 35 28.30 26.60 -15.57
C ASN A 35 27.82 27.60 -14.54
N ASP A 36 27.01 28.57 -14.93
CA ASP A 36 26.63 29.71 -14.06
C ASP A 36 25.38 29.42 -13.23
N GLN A 37 24.53 28.50 -13.66
CA GLN A 37 23.28 28.15 -12.93
C GLN A 37 23.58 26.95 -12.01
N THR A 38 23.52 27.18 -10.71
CA THR A 38 23.65 26.14 -9.66
C THR A 38 22.34 25.39 -9.47
N VAL A 39 22.41 24.13 -9.05
CA VAL A 39 21.25 23.29 -8.62
C VAL A 39 21.80 22.38 -7.52
N VAL A 40 21.01 22.21 -6.48
CA VAL A 40 21.31 21.35 -5.33
C VAL A 40 20.42 20.10 -5.45
N LEU A 41 21.03 18.92 -5.32
CA LEU A 41 20.38 17.59 -5.26
C LEU A 41 20.42 17.03 -3.84
N LEU A 42 19.24 16.58 -3.36
CA LEU A 42 19.00 16.04 -2.02
C LEU A 42 18.44 14.60 -2.12
N HIS A 43 19.22 13.60 -1.71
CA HIS A 43 18.92 12.15 -1.77
C HIS A 43 17.83 11.78 -0.75
N GLY A 44 17.31 10.56 -0.84
CA GLY A 44 16.29 10.04 0.08
C GLY A 44 16.88 9.50 1.37
N GLY A 45 16.02 9.06 2.27
CA GLY A 45 16.38 8.73 3.66
C GLY A 45 16.49 7.24 3.93
N GLY A 46 16.50 6.41 2.88
CA GLY A 46 16.73 4.95 2.98
C GLY A 46 18.07 4.61 3.65
N PRO A 47 18.15 3.45 4.34
CA PRO A 47 19.39 3.02 4.98
C PRO A 47 20.55 2.98 3.98
N GLY A 48 21.61 3.71 4.31
CA GLY A 48 22.83 3.78 3.51
C GLY A 48 22.70 4.67 2.31
N ALA A 49 21.66 5.47 2.22
CA ALA A 49 21.54 6.49 1.14
C ALA A 49 22.64 7.57 1.28
N ALA A 50 23.09 8.06 0.14
CA ALA A 50 24.05 9.18 0.06
C ALA A 50 23.95 9.81 -1.32
N SER A 51 24.56 10.99 -1.49
CA SER A 51 24.52 11.80 -2.74
C SER A 51 25.05 10.98 -3.92
N TRP A 52 26.22 10.39 -3.80
CA TRP A 52 26.86 9.66 -4.94
C TRP A 52 26.14 8.33 -5.26
N THR A 53 25.90 7.44 -4.31
CA THR A 53 25.14 6.19 -4.60
C THR A 53 23.76 6.57 -5.18
N ASN A 54 23.14 7.69 -4.83
CA ASN A 54 21.74 7.92 -5.25
C ASN A 54 21.67 8.76 -6.55
N PHE A 55 22.70 9.52 -6.91
CA PHE A 55 22.66 10.51 -8.02
C PHE A 55 23.91 10.48 -8.92
N SER A 56 24.88 9.62 -8.65
CA SER A 56 26.21 9.62 -9.33
C SER A 56 26.04 9.90 -10.83
N ARG A 57 25.18 9.16 -11.51
CA ARG A 57 25.08 9.24 -12.98
C ARG A 57 24.27 10.50 -13.40
N ASN A 58 23.21 10.86 -12.66
CA ASN A 58 22.46 12.13 -12.83
C ASN A 58 23.45 13.30 -12.73
N ILE A 59 24.43 13.25 -11.81
CA ILE A 59 25.40 14.39 -11.58
C ILE A 59 26.19 14.65 -12.86
N ALA A 60 26.69 13.58 -13.48
CA ALA A 60 27.44 13.67 -14.76
C ALA A 60 26.61 14.35 -15.84
N VAL A 61 25.36 13.93 -16.03
CA VAL A 61 24.48 14.50 -17.09
C VAL A 61 24.14 15.93 -16.75
N LEU A 62 23.78 16.18 -15.50
CA LEU A 62 23.26 17.52 -15.09
C LEU A 62 24.40 18.53 -15.18
N ALA A 63 25.63 18.08 -14.94
CA ALA A 63 26.85 18.92 -14.86
C ALA A 63 27.29 19.37 -16.27
N ARG A 64 26.74 18.78 -17.33
CA ARG A 64 26.84 19.40 -18.69
C ARG A 64 26.16 20.77 -18.74
N HIS A 65 25.10 21.01 -17.98
CA HIS A 65 24.21 22.20 -18.08
C HIS A 65 24.33 23.10 -16.86
N PHE A 66 24.58 22.52 -15.69
CA PHE A 66 24.43 23.22 -14.39
C PHE A 66 25.72 23.06 -13.58
N HIS A 67 25.87 23.92 -12.57
CA HIS A 67 26.78 23.75 -11.42
C HIS A 67 26.04 22.91 -10.39
N VAL A 68 26.45 21.67 -10.26
CA VAL A 68 25.73 20.66 -9.41
C VAL A 68 26.43 20.55 -8.07
N LEU A 69 25.66 20.77 -7.00
CA LEU A 69 25.97 20.43 -5.60
C LEU A 69 25.00 19.33 -5.19
N ALA A 70 25.52 18.13 -4.95
CA ALA A 70 24.76 17.01 -4.37
C ALA A 70 25.22 16.80 -2.92
N VAL A 71 24.35 17.06 -1.96
CA VAL A 71 24.71 17.21 -0.54
C VAL A 71 24.28 15.97 0.22
N ASP A 72 25.22 15.35 0.95
CA ASP A 72 24.92 14.25 1.88
C ASP A 72 24.17 14.92 3.05
N GLN A 73 22.91 14.58 3.26
CA GLN A 73 22.15 15.21 4.37
C GLN A 73 22.72 14.77 5.71
N PRO A 74 22.53 15.56 6.79
CA PRO A 74 23.00 15.14 8.10
C PRO A 74 22.35 13.79 8.44
N GLY A 75 23.18 12.87 8.94
CA GLY A 75 22.74 11.51 9.29
C GLY A 75 23.16 10.51 8.24
N TYR A 76 23.73 10.97 7.10
CA TYR A 76 23.87 10.18 5.86
C TYR A 76 25.26 10.39 5.24
N GLY A 77 25.74 9.37 4.51
CA GLY A 77 27.00 9.46 3.75
C GLY A 77 28.17 9.81 4.67
N HIS A 78 28.89 10.88 4.39
CA HIS A 78 30.09 11.31 5.15
C HIS A 78 29.79 12.61 5.90
N SER A 79 28.51 12.97 6.04
CA SER A 79 28.08 14.15 6.79
C SER A 79 27.96 13.74 8.27
N ASP A 80 28.05 14.70 9.17
CA ASP A 80 27.97 14.42 10.63
C ASP A 80 26.70 13.64 10.99
N LYS A 81 26.82 12.73 11.93
CA LYS A 81 25.68 11.86 12.29
C LYS A 81 25.46 12.09 13.78
N ARG A 82 24.84 13.21 14.16
CA ARG A 82 24.56 13.53 15.58
C ARG A 82 23.54 12.55 16.14
N ALA A 83 23.69 12.22 17.41
CA ALA A 83 22.78 11.33 18.18
C ALA A 83 21.46 12.03 18.50
N GLU A 84 21.40 13.36 18.46
CA GLU A 84 20.17 14.12 18.80
C GLU A 84 20.07 15.35 17.90
N HIS A 85 18.85 15.70 17.49
CA HIS A 85 18.56 16.92 16.70
C HIS A 85 17.04 17.13 16.73
N GLY A 86 16.60 18.29 16.27
CA GLY A 86 15.15 18.56 16.13
C GLY A 86 14.54 17.79 14.96
N GLN A 87 13.31 18.17 14.59
CA GLN A 87 12.61 17.64 13.41
C GLN A 87 13.63 17.64 12.25
N PHE A 88 13.75 16.49 11.59
CA PHE A 88 14.87 16.23 10.69
C PHE A 88 14.94 17.28 9.58
N ASN A 89 13.79 17.57 8.94
CA ASN A 89 13.78 18.48 7.76
C ASN A 89 14.17 19.91 8.13
N ARG A 90 13.68 20.37 9.26
CA ARG A 90 14.03 21.68 9.86
C ARG A 90 15.55 21.71 10.04
N TYR A 91 16.08 20.74 10.80
CA TYR A 91 17.53 20.52 11.05
C TYR A 91 18.34 20.48 9.76
N ALA A 92 17.95 19.63 8.82
CA ALA A 92 18.67 19.52 7.52
C ALA A 92 18.53 20.85 6.74
N ALA A 93 17.38 21.53 6.80
CA ALA A 93 17.26 22.80 6.05
C ALA A 93 18.22 23.87 6.65
N MET A 94 18.32 23.95 7.98
CA MET A 94 19.27 24.89 8.64
C MET A 94 20.69 24.55 8.19
N ALA A 95 21.06 23.27 8.04
CA ALA A 95 22.41 22.86 7.58
C ALA A 95 22.64 23.46 6.20
N LEU A 96 21.71 23.15 5.31
CA LEU A 96 21.74 23.64 3.91
C LEU A 96 21.86 25.19 3.83
N LYS A 97 21.07 25.93 4.61
CA LYS A 97 21.17 27.41 4.74
C LYS A 97 22.59 27.83 5.08
N GLY A 98 23.21 27.20 6.09
CA GLY A 98 24.65 27.33 6.37
C GLY A 98 25.52 27.11 5.13
N LEU A 99 25.28 26.04 4.39
CA LEU A 99 26.11 25.81 3.18
C LEU A 99 25.89 26.92 2.13
N PHE A 100 24.65 27.35 1.91
CA PHE A 100 24.28 28.42 0.93
C PHE A 100 25.07 29.71 1.26
N ASP A 101 25.05 30.15 2.50
CA ASP A 101 25.77 31.39 2.91
C ASP A 101 27.27 31.20 2.62
N GLN A 102 27.87 30.09 3.03
CA GLN A 102 29.32 29.86 2.76
C GLN A 102 29.65 29.87 1.27
N LEU A 103 28.85 29.26 0.39
CA LEU A 103 29.21 29.21 -1.06
C LEU A 103 28.79 30.49 -1.79
N GLY A 104 28.13 31.41 -1.07
CA GLY A 104 27.53 32.65 -1.59
C GLY A 104 26.47 32.38 -2.65
N LEU A 105 25.64 31.35 -2.43
CA LEU A 105 24.50 31.09 -3.32
C LEU A 105 23.38 32.10 -3.00
N GLY A 106 22.73 32.61 -4.04
CA GLY A 106 21.53 33.47 -3.84
C GLY A 106 20.22 32.65 -3.79
N ARG A 107 19.55 32.52 -4.93
CA ARG A 107 18.28 31.79 -5.06
C ARG A 107 18.65 30.64 -5.98
N VAL A 108 18.47 29.41 -5.53
CA VAL A 108 18.95 28.19 -6.24
C VAL A 108 17.82 27.17 -6.29
N PRO A 109 17.60 26.57 -7.45
CA PRO A 109 16.67 25.44 -7.54
C PRO A 109 17.17 24.21 -6.76
N LEU A 110 16.25 23.32 -6.41
CA LEU A 110 16.53 22.16 -5.52
C LEU A 110 15.81 20.97 -6.13
N VAL A 111 16.49 19.85 -6.18
CA VAL A 111 16.00 18.55 -6.65
C VAL A 111 16.06 17.64 -5.44
N GLY A 112 14.99 16.93 -5.12
CA GLY A 112 14.98 16.14 -3.87
C GLY A 112 14.04 14.95 -3.92
N ASN A 113 14.52 13.82 -3.45
CA ASN A 113 13.79 12.54 -3.51
C ASN A 113 13.38 12.21 -2.08
N SER A 114 12.11 11.91 -1.86
CA SER A 114 11.63 11.39 -0.55
C SER A 114 12.11 12.34 0.55
N LEU A 115 12.87 11.87 1.55
CA LEU A 115 13.33 12.73 2.68
C LEU A 115 13.96 14.03 2.14
N GLY A 116 14.75 13.95 1.10
CA GLY A 116 15.47 15.15 0.61
C GLY A 116 14.51 16.07 -0.12
N GLY A 117 13.40 15.54 -0.62
CA GLY A 117 12.29 16.36 -1.09
C GLY A 117 11.62 17.13 0.05
N GLY A 118 11.37 16.48 1.20
CA GLY A 118 10.85 17.18 2.37
C GLY A 118 11.83 18.28 2.83
N THR A 119 13.11 18.00 2.77
CA THR A 119 14.14 18.98 3.19
C THR A 119 14.08 20.19 2.22
N ALA A 120 14.04 19.95 0.92
CA ALA A 120 13.91 20.99 -0.12
C ALA A 120 12.74 21.92 0.21
N VAL A 121 11.58 21.34 0.52
CA VAL A 121 10.35 22.10 0.79
C VAL A 121 10.50 22.85 2.10
N ARG A 122 10.97 22.18 3.18
CA ARG A 122 11.21 22.84 4.47
C ARG A 122 12.13 24.06 4.26
N PHE A 123 13.20 23.91 3.47
CA PHE A 123 14.10 25.03 3.14
C PHE A 123 13.29 26.11 2.39
N ALA A 124 12.48 25.71 1.40
CA ALA A 124 11.81 26.70 0.53
C ALA A 124 10.79 27.48 1.36
N LEU A 125 10.20 26.86 2.37
CA LEU A 125 9.25 27.52 3.31
C LEU A 125 10.01 28.41 4.28
N ASP A 126 11.05 27.85 4.93
CA ASP A 126 11.82 28.56 5.99
C ASP A 126 12.71 29.67 5.40
N TYR A 127 13.19 29.62 4.17
CA TYR A 127 14.15 30.61 3.61
C TYR A 127 13.68 31.03 2.23
N PRO A 128 12.48 31.63 2.13
CA PRO A 128 11.75 31.64 0.87
C PRO A 128 12.55 32.30 -0.25
N ALA A 129 13.34 33.34 0.05
CA ALA A 129 14.12 34.05 -0.99
C ALA A 129 15.29 33.19 -1.50
N ARG A 130 15.69 32.11 -0.82
CA ARG A 130 16.92 31.37 -1.22
C ARG A 130 16.64 30.18 -2.13
N ALA A 131 15.40 29.71 -2.21
CA ALA A 131 15.01 28.53 -3.02
C ALA A 131 14.35 28.95 -4.33
N GLY A 132 14.80 28.41 -5.47
CA GLY A 132 14.19 28.62 -6.79
C GLY A 132 13.18 27.51 -7.11
N ARG A 133 13.20 27.07 -8.36
CA ARG A 133 12.28 26.02 -8.85
C ARG A 133 12.56 24.77 -7.99
N LEU A 134 11.55 23.97 -7.69
CA LEU A 134 11.70 22.69 -6.96
C LEU A 134 11.33 21.55 -7.88
N VAL A 135 12.21 20.56 -7.99
CA VAL A 135 11.87 19.25 -8.58
C VAL A 135 11.82 18.26 -7.42
N LEU A 136 10.70 17.57 -7.22
CA LEU A 136 10.53 16.74 -6.01
C LEU A 136 10.03 15.37 -6.42
N MET A 137 10.81 14.30 -6.19
CA MET A 137 10.49 12.93 -6.63
C MET A 137 10.00 12.10 -5.43
N GLY A 138 8.74 11.70 -5.43
CA GLY A 138 8.11 11.00 -4.31
C GLY A 138 8.51 11.64 -2.98
N PRO A 139 8.34 12.95 -2.83
CA PRO A 139 8.78 13.64 -1.62
C PRO A 139 8.04 13.13 -0.38
N GLY A 140 8.76 13.07 0.73
CA GLY A 140 8.20 12.88 2.09
C GLY A 140 7.80 14.22 2.68
N GLY A 141 7.02 14.20 3.75
CA GLY A 141 6.60 15.42 4.45
C GLY A 141 5.43 16.15 3.78
N LEU A 142 5.58 16.57 2.52
CA LEU A 142 4.46 17.28 1.83
C LEU A 142 3.51 16.23 1.26
N SER A 143 3.93 14.98 1.24
CA SER A 143 3.06 13.87 0.80
C SER A 143 2.19 13.47 1.97
N ILE A 144 0.93 13.19 1.73
CA ILE A 144 0.04 12.55 2.75
C ILE A 144 -0.81 11.55 2.00
N ASN A 145 -0.74 10.30 2.45
CA ASN A 145 -1.26 9.13 1.71
C ASN A 145 -2.77 9.03 2.00
N LEU A 146 -3.60 9.59 1.14
CA LEU A 146 -5.04 9.63 1.46
C LEU A 146 -5.64 8.23 1.42
N PHE A 147 -5.04 7.28 0.74
CA PHE A 147 -5.63 5.93 0.65
C PHE A 147 -4.72 4.93 1.34
N ALA A 148 -3.40 5.06 1.23
CA ALA A 148 -2.45 4.05 1.75
C ALA A 148 -2.44 4.11 3.28
N PRO A 149 -2.76 3.00 4.00
CA PRO A 149 -2.52 2.92 5.45
C PRO A 149 -1.05 3.15 5.76
N ASP A 150 -0.80 3.98 6.77
CA ASP A 150 0.56 4.33 7.25
C ASP A 150 0.88 3.46 8.47
N PRO A 151 2.11 2.96 8.66
CA PRO A 151 3.15 3.10 7.66
C PRO A 151 2.99 2.15 6.45
N THR A 152 3.40 2.66 5.29
CA THR A 152 3.35 1.94 4.01
C THR A 152 4.29 0.73 4.13
N GLU A 153 4.19 -0.20 3.20
CA GLU A 153 5.05 -1.39 3.10
C GLU A 153 6.52 -0.93 3.01
N GLY A 154 6.80 0.05 2.17
CA GLY A 154 8.16 0.61 2.07
C GLY A 154 8.66 1.16 3.39
N VAL A 155 7.83 1.95 4.12
CA VAL A 155 8.32 2.58 5.37
C VAL A 155 8.51 1.52 6.46
N LYS A 156 7.66 0.49 6.53
CA LYS A 156 7.86 -0.64 7.47
C LYS A 156 9.20 -1.35 7.22
N ARG A 157 9.62 -1.51 5.97
CA ARG A 157 10.93 -2.12 5.67
C ARG A 157 12.09 -1.21 6.09
N LEU A 158 11.92 0.10 6.03
CA LEU A 158 12.92 1.07 6.51
C LEU A 158 13.03 0.91 8.02
N SER A 159 11.89 0.85 8.70
CA SER A 159 11.87 0.66 10.17
C SER A 159 12.47 -0.69 10.54
N LYS A 160 12.19 -1.73 9.76
CA LYS A 160 12.63 -3.07 10.17
C LYS A 160 14.17 -3.10 10.16
N PHE A 161 14.79 -2.52 9.14
CA PHE A 161 16.26 -2.48 9.04
C PHE A 161 16.83 -1.76 10.26
N SER A 162 16.26 -0.62 10.64
CA SER A 162 16.67 0.13 11.85
C SER A 162 16.74 -0.81 13.08
N VAL A 163 15.75 -1.71 13.27
CA VAL A 163 15.67 -2.65 14.43
C VAL A 163 16.60 -3.86 14.25
N ALA A 164 16.75 -4.41 13.03
CA ALA A 164 17.51 -5.64 12.71
C ALA A 164 18.33 -5.36 11.45
N PRO A 165 19.47 -4.68 11.63
CA PRO A 165 20.28 -4.21 10.52
C PRO A 165 21.11 -5.29 9.82
N THR A 166 20.45 -6.20 9.10
CA THR A 166 21.08 -7.34 8.40
C THR A 166 21.11 -7.00 6.91
N ARG A 167 21.98 -7.63 6.15
CA ARG A 167 22.00 -7.47 4.67
C ARG A 167 20.62 -7.82 4.11
N GLU A 168 20.00 -8.86 4.65
CA GLU A 168 18.70 -9.40 4.18
C GLU A 168 17.62 -8.31 4.32
N ASN A 169 17.55 -7.66 5.47
CA ASN A 169 16.60 -6.55 5.72
C ASN A 169 16.94 -5.34 4.82
N LEU A 170 18.20 -5.13 4.50
CA LEU A 170 18.55 -4.03 3.60
C LEU A 170 18.05 -4.39 2.21
N GLU A 171 18.26 -5.63 1.80
CA GLU A 171 17.89 -6.02 0.43
C GLU A 171 16.35 -6.04 0.34
N ALA A 172 15.63 -6.36 1.41
CA ALA A 172 14.15 -6.34 1.36
C ALA A 172 13.67 -4.87 1.15
N PHE A 173 14.32 -3.89 1.79
CA PHE A 173 14.04 -2.45 1.61
C PHE A 173 14.31 -2.06 0.15
N LEU A 174 15.45 -2.42 -0.40
CA LEU A 174 15.82 -1.98 -1.77
C LEU A 174 14.84 -2.53 -2.79
N ARG A 175 14.36 -3.73 -2.57
CA ARG A 175 13.41 -4.39 -3.47
C ARG A 175 12.12 -3.58 -3.58
N VAL A 176 11.59 -3.00 -2.50
CA VAL A 176 10.32 -2.24 -2.55
C VAL A 176 10.56 -0.79 -2.98
N MET A 177 11.80 -0.40 -3.20
CA MET A 177 12.18 0.97 -3.60
C MET A 177 12.08 1.09 -5.13
N VAL A 178 12.08 -0.02 -5.83
CA VAL A 178 12.24 0.02 -7.31
C VAL A 178 11.18 -0.87 -7.95
N TYR A 179 10.83 -0.56 -9.18
CA TYR A 179 9.94 -1.37 -10.02
C TYR A 179 10.70 -2.55 -10.63
N ASP A 180 11.86 -2.31 -11.23
CA ASP A 180 12.71 -3.36 -11.85
C ASP A 180 13.76 -3.81 -10.82
N LYS A 181 13.49 -4.95 -10.16
CA LYS A 181 14.25 -5.53 -9.02
C LYS A 181 15.65 -5.93 -9.49
N ASN A 182 15.85 -6.12 -10.79
CA ASN A 182 17.20 -6.41 -11.37
C ASN A 182 18.14 -5.21 -11.18
N LEU A 183 17.64 -4.01 -10.85
CA LEU A 183 18.52 -2.87 -10.51
C LEU A 183 19.20 -3.15 -9.14
N ILE A 184 18.64 -4.04 -8.34
CA ILE A 184 19.20 -4.27 -6.98
C ILE A 184 20.33 -5.28 -7.10
N THR A 185 21.50 -4.83 -7.56
CA THR A 185 22.68 -5.71 -7.81
C THR A 185 23.34 -6.07 -6.47
N PRO A 186 24.11 -7.18 -6.37
CA PRO A 186 24.84 -7.48 -5.13
C PRO A 186 25.84 -6.36 -4.79
N GLU A 187 26.39 -5.67 -5.79
CA GLU A 187 27.27 -4.49 -5.62
C GLU A 187 26.54 -3.30 -4.98
N LEU A 188 25.32 -2.98 -5.41
CA LEU A 188 24.60 -1.83 -4.86
C LEU A 188 24.29 -2.17 -3.40
N VAL A 189 23.86 -3.40 -3.19
CA VAL A 189 23.49 -3.89 -1.84
C VAL A 189 24.72 -3.76 -0.92
N ASP A 190 25.90 -4.14 -1.40
CA ASP A 190 27.19 -4.13 -0.65
C ASP A 190 27.59 -2.67 -0.37
N GLN A 191 27.49 -1.79 -1.36
CA GLN A 191 27.75 -0.33 -1.19
C GLN A 191 26.74 0.32 -0.20
N ARG A 192 25.45 -0.04 -0.21
CA ARG A 192 24.47 0.59 0.72
C ARG A 192 24.71 0.02 2.11
N PHE A 193 24.96 -1.29 2.19
CA PHE A 193 25.01 -2.02 3.48
C PHE A 193 26.27 -1.60 4.25
N ALA A 194 27.36 -1.29 3.54
CA ALA A 194 28.63 -0.73 4.08
C ALA A 194 28.34 0.56 4.84
N LEU A 195 27.70 1.55 4.22
CA LEU A 195 27.30 2.80 4.92
C LEU A 195 26.22 2.50 5.97
N ALA A 196 25.20 1.71 5.67
CA ALA A 196 23.99 1.57 6.50
C ALA A 196 24.31 1.02 7.90
N SER A 197 25.31 0.15 7.98
CA SER A 197 25.49 -0.76 9.16
C SER A 197 26.54 -0.22 10.14
N THR A 198 27.21 0.90 9.83
CA THR A 198 28.09 1.62 10.78
C THR A 198 27.27 2.00 12.01
N PRO A 199 27.89 1.99 13.21
CA PRO A 199 27.16 2.40 14.43
C PRO A 199 26.72 3.89 14.37
N GLU A 200 27.51 4.79 13.78
CA GLU A 200 27.09 6.23 13.58
C GLU A 200 25.81 6.31 12.75
N SER A 201 25.74 5.58 11.63
CA SER A 201 24.54 5.54 10.75
C SER A 201 23.34 5.04 11.55
N LEU A 202 23.51 3.97 12.33
CA LEU A 202 22.37 3.37 13.06
C LEU A 202 21.91 4.33 14.18
N THR A 203 22.83 5.05 14.81
CA THR A 203 22.51 6.15 15.76
C THR A 203 21.74 7.29 15.04
N ALA A 204 22.16 7.66 13.82
CA ALA A 204 21.49 8.72 13.04
C ALA A 204 20.04 8.29 12.72
N THR A 205 19.79 7.02 12.40
CA THR A 205 18.40 6.55 12.07
C THR A 205 17.44 6.70 13.27
N ARG A 206 17.86 6.35 14.49
CA ARG A 206 17.00 6.45 15.69
C ARG A 206 16.77 7.92 16.07
N ALA A 207 17.86 8.70 16.14
CA ALA A 207 17.81 10.17 16.24
C ALA A 207 16.77 10.68 15.23
N MET A 208 16.80 10.21 13.98
CA MET A 208 15.77 10.68 13.03
C MET A 208 14.32 10.31 13.45
N GLY A 209 14.08 9.06 13.84
CA GLY A 209 12.73 8.60 14.22
C GLY A 209 12.18 9.43 15.36
N LYS A 210 13.00 9.62 16.40
CA LYS A 210 12.68 10.48 17.57
C LYS A 210 12.33 11.92 17.12
N SER A 211 12.89 12.40 16.04
CA SER A 211 12.74 13.82 15.64
C SER A 211 11.31 14.05 15.11
N PHE A 212 10.62 13.00 14.66
CA PHE A 212 9.28 13.15 14.02
C PHE A 212 8.19 13.20 15.09
N ALA A 213 8.47 12.79 16.33
CA ALA A 213 7.49 12.72 17.43
C ALA A 213 7.66 13.90 18.38
N GLY A 214 8.65 14.77 18.17
CA GLY A 214 9.10 15.78 19.14
C GLY A 214 8.32 17.08 19.07
N ALA A 215 8.79 18.11 19.78
CA ALA A 215 8.07 19.39 19.95
C ALA A 215 7.65 19.98 18.59
N ASP A 216 8.56 20.05 17.61
CA ASP A 216 8.31 20.74 16.31
C ASP A 216 7.86 19.69 15.26
N PHE A 217 7.11 18.65 15.64
CA PHE A 217 6.70 17.54 14.73
C PHE A 217 5.89 18.09 13.54
N GLU A 218 5.12 19.16 13.75
CA GLU A 218 4.35 19.82 12.67
C GLU A 218 5.29 20.28 11.53
N ALA A 219 6.54 20.67 11.79
CA ALA A 219 7.50 21.03 10.73
C ALA A 219 7.59 19.92 9.68
N GLY A 220 7.24 18.68 10.06
CA GLY A 220 7.28 17.51 9.18
C GLY A 220 6.03 17.38 8.33
N MET A 221 4.95 18.04 8.69
CA MET A 221 3.65 17.89 8.01
C MET A 221 3.45 19.04 7.01
N MET A 222 4.24 19.03 5.95
CA MET A 222 4.35 20.20 5.02
C MET A 222 3.22 20.19 4.01
N TRP A 223 2.39 19.15 3.97
CA TRP A 223 1.12 19.19 3.18
C TRP A 223 0.21 20.28 3.75
N ARG A 224 0.41 20.73 5.00
CA ARG A 224 -0.38 21.80 5.62
C ARG A 224 0.17 23.17 5.25
N GLU A 225 1.25 23.27 4.50
CA GLU A 225 2.02 24.55 4.34
C GLU A 225 2.39 24.82 2.89
N VAL A 226 2.39 23.82 2.04
CA VAL A 226 2.90 24.02 0.63
C VAL A 226 2.02 25.03 -0.14
N TYR A 227 0.80 25.30 0.31
CA TYR A 227 -0.01 26.38 -0.31
C TYR A 227 0.78 27.68 -0.26
N ARG A 228 1.78 27.80 0.60
CA ARG A 228 2.60 29.03 0.71
C ARG A 228 3.70 29.10 -0.35
N LEU A 229 4.01 28.02 -1.05
CA LEU A 229 5.14 28.06 -2.04
C LEU A 229 4.78 28.95 -3.24
N ARG A 230 5.67 29.86 -3.62
CA ARG A 230 5.42 30.85 -4.70
C ARG A 230 6.17 30.44 -5.97
N GLN A 231 7.04 29.44 -5.92
CA GLN A 231 7.85 29.09 -7.13
C GLN A 231 7.16 27.98 -7.92
N PRO A 232 7.56 27.75 -9.19
CA PRO A 232 7.23 26.54 -9.89
C PRO A 232 7.83 25.32 -9.17
N VAL A 233 7.02 24.27 -9.11
CA VAL A 233 7.29 22.98 -8.45
C VAL A 233 6.85 21.87 -9.41
N LEU A 234 7.81 21.04 -9.80
CA LEU A 234 7.59 19.79 -10.54
C LEU A 234 7.59 18.61 -9.55
N LEU A 235 6.40 18.05 -9.29
CA LEU A 235 6.24 16.78 -8.56
C LEU A 235 6.43 15.66 -9.56
N ILE A 236 7.30 14.70 -9.27
CA ILE A 236 7.56 13.53 -10.15
C ILE A 236 7.33 12.32 -9.31
N TRP A 237 6.51 11.40 -9.81
CA TRP A 237 6.14 10.16 -9.13
C TRP A 237 6.35 8.96 -10.04
N GLY A 238 6.84 7.88 -9.44
CA GLY A 238 6.75 6.56 -10.03
C GLY A 238 5.36 6.03 -9.75
N ARG A 239 4.65 5.53 -10.77
CA ARG A 239 3.28 4.98 -10.54
C ARG A 239 3.34 3.83 -9.55
N GLU A 240 4.44 3.07 -9.48
CA GLU A 240 4.55 1.87 -8.61
C GLU A 240 5.38 2.18 -7.35
N ASP A 241 5.39 3.41 -6.83
CA ASP A 241 6.16 3.77 -5.61
C ASP A 241 5.46 3.12 -4.40
N ARG A 242 6.18 2.25 -3.70
CA ARG A 242 5.65 1.47 -2.56
C ARG A 242 6.09 2.10 -1.23
N VAL A 243 6.87 3.16 -1.28
CA VAL A 243 7.34 3.89 -0.09
C VAL A 243 6.41 5.07 0.19
N ASN A 244 6.38 5.98 -0.77
CA ASN A 244 5.51 7.20 -0.77
C ASN A 244 4.62 7.03 -1.97
N PRO A 245 3.50 6.28 -1.87
CA PRO A 245 2.69 6.01 -3.04
C PRO A 245 2.00 7.23 -3.68
N LEU A 246 1.53 7.05 -4.92
CA LEU A 246 1.00 8.14 -5.78
C LEU A 246 -0.12 8.94 -5.10
N ASP A 247 -0.96 8.32 -4.28
CA ASP A 247 -2.04 9.07 -3.59
C ASP A 247 -1.45 10.20 -2.73
N GLY A 248 -0.16 10.12 -2.36
CA GLY A 248 0.47 11.15 -1.54
C GLY A 248 0.72 12.42 -2.30
N ALA A 249 0.49 12.48 -3.61
CA ALA A 249 0.81 13.66 -4.45
C ALA A 249 -0.34 14.66 -4.43
N LEU A 250 -1.54 14.19 -4.10
CA LEU A 250 -2.79 14.93 -4.43
C LEU A 250 -2.89 16.27 -3.69
N VAL A 251 -2.56 16.36 -2.39
CA VAL A 251 -2.75 17.63 -1.65
C VAL A 251 -1.76 18.66 -2.17
N ALA A 252 -0.53 18.24 -2.46
CA ALA A 252 0.52 19.13 -2.93
C ALA A 252 0.13 19.63 -4.33
N LEU A 253 -0.38 18.75 -5.19
CA LEU A 253 -0.76 19.14 -6.57
C LEU A 253 -1.93 20.12 -6.50
N LYS A 254 -2.88 19.89 -5.59
CA LYS A 254 -4.04 20.81 -5.45
C LYS A 254 -3.58 22.18 -4.93
N THR A 255 -2.73 22.23 -3.90
CA THR A 255 -2.58 23.46 -3.10
C THR A 255 -1.31 24.24 -3.46
N ILE A 256 -0.38 23.71 -4.26
CA ILE A 256 0.79 24.52 -4.71
C ILE A 256 0.33 25.28 -5.95
N PRO A 257 0.28 26.63 -5.93
CA PRO A 257 -0.22 27.37 -7.07
C PRO A 257 0.43 26.98 -8.41
N ARG A 258 1.76 26.82 -8.44
CA ARG A 258 2.49 26.64 -9.73
C ARG A 258 3.02 25.23 -9.76
N ALA A 259 2.21 24.26 -9.33
CA ALA A 259 2.51 22.82 -9.42
C ALA A 259 2.38 22.30 -10.85
N GLN A 260 3.18 21.31 -11.13
CA GLN A 260 2.98 20.33 -12.21
C GLN A 260 3.28 18.95 -11.63
N LEU A 261 2.66 17.92 -12.22
CA LEU A 261 2.90 16.52 -11.81
C LEU A 261 3.24 15.73 -13.07
N HIS A 262 4.30 14.97 -12.99
CA HIS A 262 4.67 13.93 -13.98
C HIS A 262 4.75 12.58 -13.27
N VAL A 263 3.90 11.65 -13.67
CA VAL A 263 3.90 10.25 -13.21
C VAL A 263 4.50 9.39 -14.33
N PHE A 264 5.50 8.55 -13.99
CA PHE A 264 6.02 7.45 -14.84
C PHE A 264 5.44 6.12 -14.41
N GLY A 265 4.77 5.51 -15.36
CA GLY A 265 4.50 4.07 -15.28
C GLY A 265 5.79 3.30 -15.29
N GLN A 266 5.74 2.06 -14.78
CA GLN A 266 6.91 1.14 -14.71
C GLN A 266 8.06 1.83 -13.98
N CYS A 267 7.79 2.36 -12.79
CA CYS A 267 8.74 3.16 -12.04
C CYS A 267 8.32 3.16 -10.58
N GLY A 268 9.28 2.88 -9.71
CA GLY A 268 9.13 2.97 -8.25
C GLY A 268 9.68 4.26 -7.68
N HIS A 269 10.24 4.17 -6.49
CA HIS A 269 10.64 5.31 -5.62
C HIS A 269 11.99 5.90 -6.07
N TRP A 270 12.81 5.20 -6.85
CA TRP A 270 14.16 5.67 -7.25
C TRP A 270 14.11 6.25 -8.68
N VAL A 271 13.29 7.28 -8.88
CA VAL A 271 12.88 7.76 -10.23
C VAL A 271 14.12 8.21 -11.02
N GLN A 272 15.07 8.89 -10.37
CA GLN A 272 16.24 9.50 -11.07
C GLN A 272 17.09 8.40 -11.76
N VAL A 273 16.97 7.15 -11.31
CA VAL A 273 17.70 5.99 -11.88
C VAL A 273 16.75 5.12 -12.70
N GLU A 274 15.58 4.79 -12.18
CA GLU A 274 14.66 3.84 -12.88
C GLU A 274 14.28 4.44 -14.26
N LYS A 275 14.16 5.76 -14.34
CA LYS A 275 13.73 6.52 -15.55
C LYS A 275 14.80 7.58 -15.82
N PHE A 276 16.07 7.18 -15.76
CA PHE A 276 17.25 8.08 -15.83
C PHE A 276 17.06 9.13 -16.93
N ASP A 277 16.99 8.70 -18.20
CA ASP A 277 17.05 9.65 -19.37
C ASP A 277 15.84 10.59 -19.35
N GLU A 278 14.67 10.08 -19.05
CA GLU A 278 13.42 10.88 -19.07
C GLU A 278 13.48 11.84 -17.90
N PHE A 279 14.00 11.40 -16.75
CA PHE A 279 14.04 12.26 -15.55
C PHE A 279 15.04 13.39 -15.82
N ASN A 280 16.17 13.04 -16.42
CA ASN A 280 17.24 14.04 -16.66
C ASN A 280 16.69 15.11 -17.62
N LYS A 281 15.97 14.69 -18.68
CA LYS A 281 15.38 15.60 -19.72
C LYS A 281 14.30 16.49 -19.11
N LEU A 282 13.34 15.92 -18.37
CA LEU A 282 12.33 16.72 -17.62
C LEU A 282 13.03 17.76 -16.74
N THR A 283 14.01 17.37 -15.95
CA THR A 283 14.65 18.27 -14.94
C THR A 283 15.38 19.41 -15.66
N ILE A 284 16.16 19.08 -16.69
CA ILE A 284 16.93 20.08 -17.46
C ILE A 284 15.96 21.10 -18.08
N GLU A 285 14.85 20.63 -18.63
CA GLU A 285 13.89 21.54 -19.31
C GLU A 285 13.21 22.37 -18.22
N PHE A 286 12.69 21.76 -17.16
CA PHE A 286 11.89 22.50 -16.13
C PHE A 286 12.78 23.59 -15.50
N LEU A 287 14.07 23.31 -15.33
CA LEU A 287 14.97 24.24 -14.61
C LEU A 287 15.58 25.25 -15.60
N GLY A 288 15.27 25.20 -16.89
CA GLY A 288 15.59 26.30 -17.81
C GLY A 288 16.84 26.05 -18.63
N GLY A 289 17.39 24.83 -18.63
CA GLY A 289 18.32 24.33 -19.66
C GLY A 289 19.75 24.80 -19.46
N GLY A 290 20.02 25.60 -18.40
CA GLY A 290 21.36 26.10 -18.03
C GLY A 290 21.40 27.62 -17.99
N LEU B 7 -25.88 -21.82 19.37
CA LEU B 7 -25.47 -22.04 17.93
C LEU B 7 -24.00 -22.42 17.90
N THR B 8 -23.67 -23.52 17.24
CA THR B 8 -22.28 -24.06 17.22
C THR B 8 -21.90 -24.45 15.80
N PHE B 9 -20.59 -24.56 15.55
CA PHE B 9 -20.10 -25.16 14.29
C PHE B 9 -20.95 -26.40 13.94
N GLU B 10 -21.32 -27.27 14.91
CA GLU B 10 -21.99 -28.57 14.61
C GLU B 10 -23.49 -28.41 14.42
N SER B 11 -24.19 -27.70 15.30
CA SER B 11 -25.66 -27.54 15.20
C SER B 11 -26.02 -26.92 13.83
N THR B 12 -25.22 -25.96 13.34
CA THR B 12 -25.53 -25.20 12.09
C THR B 12 -24.95 -25.93 10.87
N SER B 13 -24.02 -26.86 11.06
CA SER B 13 -23.31 -27.50 9.92
C SER B 13 -24.30 -28.20 8.99
N ARG B 14 -24.15 -28.05 7.67
CA ARG B 14 -24.96 -28.76 6.66
C ARG B 14 -24.10 -29.06 5.43
N PHE B 15 -24.53 -30.03 4.64
CA PHE B 15 -23.89 -30.36 3.34
C PHE B 15 -24.94 -30.42 2.23
N ALA B 16 -24.53 -30.10 1.02
CA ALA B 16 -25.34 -30.25 -0.20
C ALA B 16 -24.39 -30.60 -1.34
N GLU B 17 -24.89 -31.40 -2.26
CA GLU B 17 -24.11 -31.81 -3.43
C GLU B 17 -24.80 -31.12 -4.61
N VAL B 18 -24.00 -30.55 -5.48
CA VAL B 18 -24.50 -29.76 -6.62
C VAL B 18 -23.64 -30.20 -7.79
N ASP B 19 -24.06 -29.85 -8.99
CA ASP B 19 -23.34 -30.25 -10.22
C ASP B 19 -22.64 -28.98 -10.69
N VAL B 20 -21.32 -29.00 -10.73
CA VAL B 20 -20.53 -28.04 -11.54
C VAL B 20 -19.51 -28.91 -12.24
N ASP B 21 -19.77 -29.26 -13.51
CA ASP B 21 -18.88 -30.16 -14.29
C ASP B 21 -18.66 -31.46 -13.52
N GLY B 22 -19.69 -31.94 -12.79
CA GLY B 22 -19.56 -33.12 -11.92
C GLY B 22 -20.12 -32.82 -10.53
N PRO B 23 -20.40 -33.85 -9.72
CA PRO B 23 -20.76 -33.67 -8.30
C PRO B 23 -19.76 -32.75 -7.59
N LEU B 24 -20.25 -31.83 -6.77
CA LEU B 24 -19.41 -30.92 -5.93
C LEU B 24 -20.10 -30.79 -4.58
N LYS B 25 -19.38 -31.10 -3.52
CA LYS B 25 -19.90 -31.01 -2.14
C LYS B 25 -19.58 -29.62 -1.58
N LEU B 26 -20.62 -28.94 -1.11
CA LEU B 26 -20.55 -27.64 -0.43
C LEU B 26 -20.96 -27.85 1.00
N HIS B 27 -20.11 -27.40 1.89
CA HIS B 27 -20.44 -27.21 3.32
C HIS B 27 -20.97 -25.79 3.48
N TYR B 28 -21.90 -25.64 4.41
CA TYR B 28 -22.50 -24.35 4.77
C TYR B 28 -23.06 -24.48 6.18
N HIS B 29 -23.35 -23.32 6.78
CA HIS B 29 -23.94 -23.22 8.14
C HIS B 29 -25.31 -22.57 7.97
N GLU B 30 -26.30 -23.09 8.69
CA GLU B 30 -27.71 -22.67 8.60
C GLU B 30 -28.18 -22.31 9.99
N ALA B 31 -28.91 -21.21 10.10
CA ALA B 31 -29.51 -20.71 11.35
C ALA B 31 -30.65 -19.77 11.01
N GLY B 32 -31.51 -19.50 11.99
CA GLY B 32 -32.68 -18.62 11.84
C GLY B 32 -33.72 -19.20 10.89
N VAL B 33 -33.89 -20.52 10.90
CA VAL B 33 -34.81 -21.23 9.95
C VAL B 33 -36.25 -20.70 10.12
N GLY B 34 -36.61 -20.18 11.29
CA GLY B 34 -37.96 -19.60 11.46
C GLY B 34 -38.16 -18.34 10.64
N ASN B 35 -37.12 -17.54 10.44
CA ASN B 35 -37.21 -16.19 9.80
C ASN B 35 -37.64 -16.34 8.34
N ASP B 36 -38.14 -15.28 7.74
CA ASP B 36 -38.67 -15.28 6.34
C ASP B 36 -37.63 -14.72 5.33
N GLN B 37 -36.77 -13.76 5.71
CA GLN B 37 -35.76 -13.30 4.71
C GLN B 37 -34.49 -14.16 4.85
N THR B 38 -34.10 -14.82 3.75
CA THR B 38 -32.81 -15.54 3.66
C THR B 38 -31.71 -14.53 3.24
N VAL B 39 -30.54 -14.63 3.81
CA VAL B 39 -29.34 -14.01 3.40
CA VAL B 39 -29.32 -13.89 3.40
C VAL B 39 -28.22 -14.94 3.29
N VAL B 40 -27.38 -14.82 2.27
CA VAL B 40 -26.20 -15.70 2.08
C VAL B 40 -24.93 -14.93 2.47
N LEU B 41 -24.10 -15.48 3.39
CA LEU B 41 -22.77 -14.94 3.76
C LEU B 41 -21.67 -15.70 3.00
N LEU B 42 -20.73 -14.98 2.39
CA LEU B 42 -19.59 -15.50 1.61
C LEU B 42 -18.29 -14.94 2.21
N HIS B 43 -17.50 -15.78 2.85
CA HIS B 43 -16.19 -15.41 3.46
C HIS B 43 -15.12 -15.05 2.41
N GLY B 44 -14.00 -14.51 2.89
CA GLY B 44 -12.85 -14.12 2.08
C GLY B 44 -11.91 -15.28 1.81
N GLY B 45 -10.82 -15.00 1.11
CA GLY B 45 -10.03 -16.03 0.39
C GLY B 45 -8.67 -16.32 0.99
N GLY B 46 -8.37 -15.75 2.14
CA GLY B 46 -7.08 -15.92 2.82
C GLY B 46 -6.91 -17.35 3.35
N PRO B 47 -5.66 -17.77 3.59
CA PRO B 47 -5.37 -19.15 4.03
C PRO B 47 -6.15 -19.52 5.29
N GLY B 48 -6.88 -20.63 5.27
CA GLY B 48 -7.61 -21.10 6.45
C GLY B 48 -8.96 -20.44 6.61
N ALA B 49 -9.34 -19.52 5.74
CA ALA B 49 -10.67 -18.86 5.81
C ALA B 49 -11.80 -19.90 5.66
N ALA B 50 -12.88 -19.70 6.39
CA ALA B 50 -14.10 -20.53 6.32
C ALA B 50 -15.27 -19.71 6.84
N SER B 51 -16.47 -20.20 6.65
CA SER B 51 -17.72 -19.53 7.06
C SER B 51 -17.74 -19.34 8.56
N TRP B 52 -17.45 -20.36 9.34
CA TRP B 52 -17.71 -20.25 10.80
C TRP B 52 -16.62 -19.39 11.42
N THR B 53 -15.39 -19.65 11.09
CA THR B 53 -14.22 -18.89 11.60
C THR B 53 -14.33 -17.41 11.21
N ASN B 54 -14.90 -17.07 10.06
CA ASN B 54 -14.88 -15.69 9.56
C ASN B 54 -16.16 -14.96 10.01
N PHE B 55 -17.26 -15.66 10.28
CA PHE B 55 -18.56 -15.03 10.56
C PHE B 55 -19.22 -15.56 11.84
N SER B 56 -18.58 -16.50 12.52
CA SER B 56 -19.14 -17.26 13.67
C SER B 56 -20.08 -16.39 14.49
N ARG B 57 -19.54 -15.27 15.01
CA ARG B 57 -20.29 -14.35 15.89
C ARG B 57 -21.37 -13.60 15.08
N ASN B 58 -21.09 -13.14 13.86
CA ASN B 58 -22.10 -12.38 13.06
C ASN B 58 -23.34 -13.26 12.81
N ILE B 59 -23.15 -14.53 12.50
CA ILE B 59 -24.24 -15.54 12.25
C ILE B 59 -25.21 -15.52 13.45
N ALA B 60 -24.76 -15.70 14.69
CA ALA B 60 -25.67 -15.64 15.86
C ALA B 60 -26.51 -14.35 15.76
N VAL B 61 -25.87 -13.18 15.62
CA VAL B 61 -26.62 -11.89 15.67
C VAL B 61 -27.60 -11.85 14.50
N LEU B 62 -27.18 -12.19 13.28
CA LEU B 62 -28.01 -12.00 12.04
C LEU B 62 -29.15 -13.02 12.03
N ALA B 63 -28.95 -14.16 12.68
CA ALA B 63 -29.94 -15.25 12.80
C ALA B 63 -31.13 -14.82 13.65
N ARG B 64 -31.02 -13.72 14.40
CA ARG B 64 -32.20 -13.14 15.08
C ARG B 64 -33.19 -12.52 14.07
N HIS B 65 -32.80 -12.16 12.83
CA HIS B 65 -33.64 -11.36 11.90
C HIS B 65 -33.82 -12.11 10.58
N PHE B 66 -32.88 -12.98 10.22
CA PHE B 66 -32.86 -13.60 8.88
C PHE B 66 -32.57 -15.08 8.99
N HIS B 67 -32.88 -15.77 7.91
CA HIS B 67 -32.45 -17.16 7.69
C HIS B 67 -31.06 -17.04 7.07
N VAL B 68 -30.04 -17.38 7.84
CA VAL B 68 -28.61 -17.25 7.42
C VAL B 68 -28.14 -18.55 6.78
N LEU B 69 -27.61 -18.44 5.57
CA LEU B 69 -26.79 -19.49 4.91
C LEU B 69 -25.38 -18.95 4.74
N ALA B 70 -24.42 -19.50 5.49
CA ALA B 70 -23.00 -19.11 5.37
C ALA B 70 -22.25 -20.24 4.65
N VAL B 71 -21.89 -20.01 3.41
CA VAL B 71 -21.37 -21.07 2.51
C VAL B 71 -19.84 -21.08 2.53
N ASP B 72 -19.24 -22.23 2.80
CA ASP B 72 -17.80 -22.43 2.55
C ASP B 72 -17.67 -22.50 1.04
N GLN B 73 -16.91 -21.57 0.47
CA GLN B 73 -16.68 -21.47 -0.99
C GLN B 73 -15.84 -22.68 -1.40
N PRO B 74 -16.01 -23.20 -2.61
CA PRO B 74 -15.16 -24.26 -3.10
C PRO B 74 -13.67 -23.91 -2.86
N GLY B 75 -12.89 -24.87 -2.33
CA GLY B 75 -11.48 -24.67 -1.98
C GLY B 75 -11.32 -24.38 -0.49
N TYR B 76 -12.40 -24.22 0.27
CA TYR B 76 -12.31 -23.66 1.64
C TYR B 76 -13.08 -24.53 2.63
N GLY B 77 -12.70 -24.47 3.89
CA GLY B 77 -13.54 -25.06 4.96
C GLY B 77 -13.73 -26.54 4.68
N HIS B 78 -14.97 -27.00 4.63
CA HIS B 78 -15.32 -28.42 4.42
C HIS B 78 -15.99 -28.57 3.04
N SER B 79 -15.92 -27.55 2.17
CA SER B 79 -16.43 -27.74 0.79
C SER B 79 -15.35 -28.45 -0.01
N ASP B 80 -15.66 -28.96 -1.20
CA ASP B 80 -14.69 -29.76 -1.99
C ASP B 80 -13.55 -28.84 -2.41
N LYS B 81 -12.37 -29.40 -2.61
CA LYS B 81 -11.13 -28.68 -2.98
C LYS B 81 -10.58 -29.29 -4.26
N ARG B 82 -11.24 -29.06 -5.38
CA ARG B 82 -10.75 -29.51 -6.71
C ARG B 82 -9.47 -28.75 -6.99
N ALA B 83 -8.62 -29.39 -7.80
CA ALA B 83 -7.28 -28.94 -8.20
C ALA B 83 -7.38 -28.17 -9.50
N GLU B 84 -8.49 -28.31 -10.22
CA GLU B 84 -8.74 -27.72 -11.55
C GLU B 84 -10.13 -27.09 -11.56
N HIS B 85 -10.23 -25.84 -11.99
CA HIS B 85 -11.53 -25.16 -12.24
C HIS B 85 -11.24 -23.96 -13.12
N GLY B 86 -12.26 -23.26 -13.62
CA GLY B 86 -12.10 -21.96 -14.34
C GLY B 86 -11.93 -20.78 -13.37
N GLN B 87 -12.16 -19.56 -13.85
CA GLN B 87 -12.01 -18.31 -13.09
C GLN B 87 -12.77 -18.51 -11.77
N PHE B 88 -12.08 -18.31 -10.66
CA PHE B 88 -12.61 -18.77 -9.34
C PHE B 88 -14.01 -18.22 -9.06
N ASN B 89 -14.20 -16.92 -9.27
CA ASN B 89 -15.51 -16.28 -8.94
C ASN B 89 -16.62 -16.89 -9.81
N ARG B 90 -16.33 -17.16 -11.08
CA ARG B 90 -17.33 -17.80 -11.98
C ARG B 90 -17.67 -19.20 -11.45
N TYR B 91 -16.65 -20.02 -11.18
CA TYR B 91 -16.76 -21.34 -10.53
C TYR B 91 -17.60 -21.23 -9.24
N ALA B 92 -17.21 -20.37 -8.31
CA ALA B 92 -17.92 -20.26 -7.00
C ALA B 92 -19.36 -19.79 -7.23
N ALA B 93 -19.57 -18.83 -8.14
CA ALA B 93 -20.94 -18.37 -8.48
C ALA B 93 -21.79 -19.54 -9.04
N MET B 94 -21.25 -20.39 -9.96
CA MET B 94 -21.94 -21.63 -10.45
C MET B 94 -22.27 -22.56 -9.27
N ALA B 95 -21.33 -22.79 -8.33
CA ALA B 95 -21.59 -23.63 -7.14
C ALA B 95 -22.81 -23.07 -6.42
N LEU B 96 -22.80 -21.77 -6.17
CA LEU B 96 -23.85 -21.13 -5.34
C LEU B 96 -25.23 -21.27 -6.05
N LYS B 97 -25.24 -21.10 -7.37
CA LYS B 97 -26.44 -21.23 -8.25
C LYS B 97 -26.99 -22.67 -8.13
N GLY B 98 -26.15 -23.70 -8.23
CA GLY B 98 -26.44 -25.10 -7.82
C GLY B 98 -27.10 -25.15 -6.45
N LEU B 99 -26.51 -24.51 -5.45
CA LEU B 99 -27.08 -24.55 -4.08
C LEU B 99 -28.41 -23.80 -3.99
N PHE B 100 -28.58 -22.66 -4.69
CA PHE B 100 -29.87 -21.92 -4.71
C PHE B 100 -31.00 -22.81 -5.25
N ASP B 101 -30.77 -23.43 -6.42
CA ASP B 101 -31.72 -24.38 -7.07
C ASP B 101 -32.08 -25.53 -6.11
N GLN B 102 -31.09 -26.22 -5.58
CA GLN B 102 -31.33 -27.31 -4.62
C GLN B 102 -32.18 -26.84 -3.43
N LEU B 103 -31.89 -25.67 -2.85
CA LEU B 103 -32.57 -25.22 -1.60
C LEU B 103 -33.89 -24.52 -1.95
N GLY B 104 -34.21 -24.31 -3.23
CA GLY B 104 -35.47 -23.67 -3.68
C GLY B 104 -35.54 -22.19 -3.37
N LEU B 105 -34.40 -21.52 -3.25
CA LEU B 105 -34.32 -20.06 -3.01
C LEU B 105 -34.75 -19.31 -4.26
N GLY B 106 -35.36 -18.13 -4.07
CA GLY B 106 -35.67 -17.22 -5.17
C GLY B 106 -34.60 -16.16 -5.33
N ARG B 107 -34.93 -14.95 -4.90
CA ARG B 107 -34.02 -13.81 -4.90
C ARG B 107 -33.56 -13.60 -3.46
N VAL B 108 -32.26 -13.60 -3.25
CA VAL B 108 -31.65 -13.57 -1.88
C VAL B 108 -30.60 -12.49 -1.89
N PRO B 109 -30.57 -11.62 -0.86
CA PRO B 109 -29.42 -10.74 -0.64
C PRO B 109 -28.15 -11.54 -0.27
N LEU B 110 -27.02 -10.99 -0.67
CA LEU B 110 -25.69 -11.60 -0.45
C LEU B 110 -24.78 -10.64 0.33
N VAL B 111 -23.98 -11.20 1.21
CA VAL B 111 -22.97 -10.50 2.03
C VAL B 111 -21.66 -11.25 1.75
N GLY B 112 -20.64 -10.53 1.28
CA GLY B 112 -19.35 -11.07 0.85
C GLY B 112 -18.18 -10.19 1.25
N ASN B 113 -17.16 -10.80 1.83
CA ASN B 113 -15.89 -10.13 2.15
C ASN B 113 -14.87 -10.55 1.09
N SER B 114 -14.10 -9.60 0.55
CA SER B 114 -12.92 -9.91 -0.32
C SER B 114 -13.29 -10.90 -1.43
N LEU B 115 -12.73 -12.11 -1.49
CA LEU B 115 -13.01 -13.10 -2.57
C LEU B 115 -14.50 -13.42 -2.62
N GLY B 116 -15.13 -13.48 -1.45
CA GLY B 116 -16.57 -13.70 -1.33
C GLY B 116 -17.38 -12.55 -1.90
N GLY B 117 -16.92 -11.31 -1.73
CA GLY B 117 -17.51 -10.15 -2.41
C GLY B 117 -17.50 -10.28 -3.90
N GLY B 118 -16.34 -10.69 -4.44
CA GLY B 118 -16.23 -10.91 -5.88
C GLY B 118 -17.19 -12.03 -6.30
N THR B 119 -17.32 -13.07 -5.50
CA THR B 119 -18.23 -14.18 -5.85
C THR B 119 -19.66 -13.68 -5.87
N ALA B 120 -20.05 -12.90 -4.87
CA ALA B 120 -21.38 -12.28 -4.77
C ALA B 120 -21.69 -11.39 -5.97
N VAL B 121 -20.75 -10.58 -6.42
CA VAL B 121 -20.91 -9.73 -7.62
C VAL B 121 -20.97 -10.59 -8.87
N ARG B 122 -20.08 -11.57 -9.03
CA ARG B 122 -20.09 -12.41 -10.26
C ARG B 122 -21.48 -13.08 -10.38
N PHE B 123 -22.01 -13.52 -9.24
CA PHE B 123 -23.31 -14.22 -9.16
C PHE B 123 -24.41 -13.23 -9.51
N ALA B 124 -24.30 -12.02 -8.96
CA ALA B 124 -25.28 -10.94 -9.22
C ALA B 124 -25.24 -10.54 -10.69
N LEU B 125 -24.10 -10.56 -11.35
CA LEU B 125 -24.05 -10.22 -12.82
C LEU B 125 -24.57 -11.40 -13.66
N ASP B 126 -24.27 -12.63 -13.26
CA ASP B 126 -24.50 -13.81 -14.15
C ASP B 126 -25.95 -14.31 -13.96
N TYR B 127 -26.59 -14.14 -12.81
CA TYR B 127 -27.97 -14.63 -12.52
C TYR B 127 -28.71 -13.45 -11.91
N PRO B 128 -28.99 -12.40 -12.70
CA PRO B 128 -29.43 -11.12 -12.14
C PRO B 128 -30.72 -11.24 -11.32
N ALA B 129 -31.63 -12.12 -11.70
CA ALA B 129 -32.92 -12.29 -11.00
C ALA B 129 -32.72 -12.92 -9.62
N ARG B 130 -31.61 -13.65 -9.37
CA ARG B 130 -31.46 -14.45 -8.12
C ARG B 130 -30.78 -13.63 -7.03
N ALA B 131 -30.17 -12.48 -7.36
CA ALA B 131 -29.38 -11.71 -6.37
C ALA B 131 -30.18 -10.50 -5.88
N GLY B 132 -30.33 -10.35 -4.57
CA GLY B 132 -31.00 -9.17 -4.00
C GLY B 132 -29.99 -8.08 -3.74
N ARG B 133 -30.23 -7.28 -2.69
CA ARG B 133 -29.26 -6.29 -2.14
C ARG B 133 -27.92 -7.00 -1.86
N LEU B 134 -26.84 -6.28 -2.10
CA LEU B 134 -25.50 -6.82 -1.82
C LEU B 134 -24.87 -5.97 -0.72
N VAL B 135 -24.26 -6.62 0.24
CA VAL B 135 -23.33 -5.98 1.21
C VAL B 135 -21.96 -6.53 0.90
N LEU B 136 -21.01 -5.66 0.53
CA LEU B 136 -19.65 -6.10 0.13
C LEU B 136 -18.59 -5.43 1.02
N MET B 137 -17.85 -6.23 1.82
CA MET B 137 -16.76 -5.77 2.70
C MET B 137 -15.42 -5.95 1.98
N GLY B 138 -14.73 -4.84 1.71
CA GLY B 138 -13.47 -4.81 0.96
C GLY B 138 -13.45 -5.88 -0.10
N PRO B 139 -14.39 -5.88 -1.04
CA PRO B 139 -14.49 -6.99 -2.00
C PRO B 139 -13.37 -7.04 -3.06
N GLY B 140 -13.04 -8.24 -3.51
CA GLY B 140 -12.16 -8.50 -4.66
C GLY B 140 -12.98 -8.45 -5.93
N GLY B 141 -12.31 -8.35 -7.08
CA GLY B 141 -12.93 -8.31 -8.41
C GLY B 141 -13.48 -6.94 -8.82
N LEU B 142 -14.49 -6.40 -8.12
CA LEU B 142 -15.07 -5.09 -8.48
C LEU B 142 -14.09 -4.01 -8.05
N SER B 143 -13.17 -4.30 -7.14
CA SER B 143 -12.16 -3.36 -6.63
C SER B 143 -11.04 -3.25 -7.67
N ILE B 144 -10.53 -2.05 -7.89
CA ILE B 144 -9.36 -1.77 -8.76
C ILE B 144 -8.56 -0.70 -8.03
N ASN B 145 -7.34 -1.03 -7.60
CA ASN B 145 -6.49 -0.16 -6.76
C ASN B 145 -5.92 0.94 -7.64
N LEU B 146 -6.61 2.10 -7.71
CA LEU B 146 -6.20 3.21 -8.59
C LEU B 146 -4.91 3.83 -8.13
N PHE B 147 -4.58 3.73 -6.84
CA PHE B 147 -3.34 4.34 -6.28
C PHE B 147 -2.35 3.26 -5.86
N ALA B 148 -2.80 2.21 -5.14
CA ALA B 148 -1.95 1.14 -4.58
C ALA B 148 -1.28 0.31 -5.69
N PRO B 149 0.06 0.19 -5.70
CA PRO B 149 0.71 -0.77 -6.59
C PRO B 149 0.22 -2.20 -6.27
N ASP B 150 -0.04 -2.99 -7.31
CA ASP B 150 -0.50 -4.41 -7.21
C ASP B 150 0.70 -5.28 -7.55
N PRO B 151 0.89 -6.42 -6.86
CA PRO B 151 0.02 -6.80 -5.74
C PRO B 151 0.28 -5.97 -4.47
N THR B 152 -0.76 -5.72 -3.68
CA THR B 152 -0.61 -5.01 -2.38
C THR B 152 0.21 -5.87 -1.42
N GLU B 153 0.65 -5.26 -0.35
CA GLU B 153 1.36 -5.89 0.78
C GLU B 153 0.50 -7.09 1.25
N GLY B 154 -0.80 -6.89 1.38
CA GLY B 154 -1.61 -7.95 1.98
C GLY B 154 -1.72 -9.13 1.02
N VAL B 155 -1.84 -8.81 -0.27
CA VAL B 155 -1.90 -9.86 -1.31
C VAL B 155 -0.53 -10.55 -1.38
N LYS B 156 0.57 -9.81 -1.33
CA LYS B 156 1.90 -10.48 -1.31
C LYS B 156 2.03 -11.47 -0.12
N ARG B 157 1.54 -11.12 1.07
CA ARG B 157 1.67 -11.98 2.26
C ARG B 157 0.80 -13.22 2.11
N LEU B 158 -0.35 -13.10 1.46
CA LEU B 158 -1.26 -14.23 1.09
C LEU B 158 -0.48 -15.15 0.15
N SER B 159 0.14 -14.59 -0.90
CA SER B 159 0.92 -15.34 -1.92
C SER B 159 2.11 -16.05 -1.31
N LYS B 160 2.90 -15.31 -0.56
CA LYS B 160 4.08 -15.85 0.12
C LYS B 160 3.68 -17.09 0.94
N PHE B 161 2.60 -17.05 1.72
CA PHE B 161 2.12 -18.25 2.44
C PHE B 161 1.87 -19.41 1.47
N SER B 162 1.11 -19.19 0.41
CA SER B 162 0.82 -20.25 -0.59
C SER B 162 2.10 -20.95 -1.07
N VAL B 163 3.23 -20.24 -1.15
CA VAL B 163 4.49 -20.75 -1.77
C VAL B 163 5.45 -21.21 -0.67
N ALA B 164 5.27 -20.74 0.56
CA ALA B 164 6.12 -21.03 1.72
C ALA B 164 5.20 -21.10 2.94
N PRO B 165 4.47 -22.23 3.08
CA PRO B 165 3.41 -22.35 4.08
C PRO B 165 3.92 -22.61 5.49
N THR B 166 4.60 -21.62 6.05
CA THR B 166 5.09 -21.65 7.45
C THR B 166 4.15 -20.88 8.39
N ARG B 167 4.21 -21.20 9.67
CA ARG B 167 3.38 -20.54 10.71
C ARG B 167 3.68 -19.04 10.68
N GLU B 168 4.96 -18.69 10.49
CA GLU B 168 5.48 -17.29 10.48
C GLU B 168 4.88 -16.48 9.31
N ASN B 169 4.82 -17.06 8.11
CA ASN B 169 4.13 -16.45 6.95
C ASN B 169 2.62 -16.32 7.18
N LEU B 170 2.00 -17.23 7.89
CA LEU B 170 0.54 -17.19 8.09
C LEU B 170 0.27 -16.05 9.06
N GLU B 171 1.10 -15.99 10.08
CA GLU B 171 0.91 -14.98 11.14
C GLU B 171 1.22 -13.59 10.54
N ALA B 172 2.17 -13.45 9.61
CA ALA B 172 2.45 -12.19 8.90
C ALA B 172 1.17 -11.76 8.12
N PHE B 173 0.46 -12.69 7.48
CA PHE B 173 -0.77 -12.36 6.70
C PHE B 173 -1.85 -11.92 7.68
N LEU B 174 -2.05 -12.66 8.76
CA LEU B 174 -3.15 -12.38 9.72
C LEU B 174 -2.96 -10.98 10.30
N ARG B 175 -1.72 -10.56 10.52
CA ARG B 175 -1.40 -9.24 11.10
C ARG B 175 -1.69 -8.09 10.13
N VAL B 176 -1.54 -8.22 8.81
CA VAL B 176 -1.95 -7.15 7.87
C VAL B 176 -3.44 -7.26 7.54
N MET B 177 -4.14 -8.22 8.07
CA MET B 177 -5.58 -8.31 7.79
C MET B 177 -6.35 -7.42 8.79
N VAL B 178 -5.74 -7.03 9.89
CA VAL B 178 -6.50 -6.29 10.94
C VAL B 178 -5.75 -5.04 11.37
N TYR B 179 -6.48 -4.06 11.90
CA TYR B 179 -5.90 -2.85 12.49
C TYR B 179 -5.33 -3.17 13.89
N ASP B 180 -6.14 -3.77 14.75
CA ASP B 180 -5.79 -4.17 16.14
C ASP B 180 -5.18 -5.58 16.13
N LYS B 181 -3.86 -5.67 16.24
CA LYS B 181 -3.06 -6.90 16.06
C LYS B 181 -3.26 -7.85 17.24
N ASN B 182 -3.88 -7.40 18.32
CA ASN B 182 -4.25 -8.23 19.49
C ASN B 182 -5.45 -9.13 19.17
N LEU B 183 -6.04 -9.00 17.99
CA LEU B 183 -7.10 -9.96 17.58
C LEU B 183 -6.42 -11.28 17.13
N ILE B 184 -5.13 -11.23 16.77
CA ILE B 184 -4.39 -12.38 16.19
C ILE B 184 -3.78 -13.15 17.36
N THR B 185 -4.61 -13.88 18.10
CA THR B 185 -4.19 -14.72 19.27
C THR B 185 -3.37 -15.92 18.81
N PRO B 186 -2.48 -16.49 19.66
CA PRO B 186 -1.76 -17.71 19.30
C PRO B 186 -2.69 -18.90 18.98
N GLU B 187 -3.88 -18.95 19.58
CA GLU B 187 -4.95 -19.93 19.26
C GLU B 187 -5.43 -19.75 17.81
N LEU B 188 -5.75 -18.52 17.37
CA LEU B 188 -6.36 -18.28 16.04
C LEU B 188 -5.30 -18.63 14.99
N VAL B 189 -4.03 -18.38 15.26
CA VAL B 189 -2.92 -18.74 14.34
C VAL B 189 -2.79 -20.28 14.31
N ASP B 190 -2.92 -20.92 15.46
CA ASP B 190 -2.81 -22.41 15.54
C ASP B 190 -3.86 -23.07 14.64
N GLN B 191 -5.12 -22.68 14.75
CA GLN B 191 -6.22 -23.27 13.97
C GLN B 191 -6.12 -22.92 12.47
N ARG B 192 -5.85 -21.67 12.11
CA ARG B 192 -5.74 -21.24 10.69
C ARG B 192 -4.60 -22.00 10.03
N PHE B 193 -3.44 -22.11 10.68
CA PHE B 193 -2.27 -22.81 10.12
C PHE B 193 -2.57 -24.29 9.83
N ALA B 194 -3.25 -24.94 10.78
CA ALA B 194 -3.63 -26.38 10.70
C ALA B 194 -4.53 -26.55 9.49
N LEU B 195 -5.57 -25.73 9.35
CA LEU B 195 -6.47 -25.77 8.18
C LEU B 195 -5.69 -25.38 6.92
N ALA B 196 -4.89 -24.31 6.96
CA ALA B 196 -4.36 -23.66 5.74
C ALA B 196 -3.27 -24.51 5.10
N SER B 197 -2.49 -25.21 5.90
CA SER B 197 -1.26 -25.91 5.45
C SER B 197 -1.53 -27.40 5.12
N THR B 198 -2.76 -27.88 5.10
CA THR B 198 -3.07 -29.22 4.54
C THR B 198 -2.77 -29.21 3.03
N PRO B 199 -2.31 -30.32 2.41
CA PRO B 199 -1.97 -30.31 0.98
C PRO B 199 -3.16 -29.94 0.07
N GLU B 200 -4.38 -30.36 0.45
CA GLU B 200 -5.65 -30.06 -0.27
C GLU B 200 -5.94 -28.55 -0.21
N SER B 201 -5.80 -27.91 0.96
CA SER B 201 -6.03 -26.44 1.09
C SER B 201 -4.94 -25.69 0.34
N LEU B 202 -3.71 -26.17 0.37
CA LEU B 202 -2.60 -25.51 -0.38
C LEU B 202 -2.81 -25.68 -1.89
N THR B 203 -3.26 -26.86 -2.34
CA THR B 203 -3.58 -27.08 -3.77
C THR B 203 -4.75 -26.16 -4.20
N ALA B 204 -5.83 -26.09 -3.43
CA ALA B 204 -6.99 -25.19 -3.68
C ALA B 204 -6.55 -23.72 -3.82
N THR B 205 -5.81 -23.18 -2.86
CA THR B 205 -5.30 -21.77 -2.88
C THR B 205 -4.49 -21.50 -4.14
N ARG B 206 -3.58 -22.40 -4.49
CA ARG B 206 -2.79 -22.20 -5.74
C ARG B 206 -3.75 -22.19 -6.94
N ALA B 207 -4.66 -23.17 -7.03
CA ALA B 207 -5.62 -23.24 -8.15
C ALA B 207 -6.50 -21.97 -8.14
N MET B 208 -6.94 -21.47 -6.98
CA MET B 208 -7.73 -20.19 -6.94
C MET B 208 -6.85 -19.06 -7.50
N GLY B 209 -5.67 -18.87 -6.91
CA GLY B 209 -4.76 -17.78 -7.25
C GLY B 209 -4.37 -17.76 -8.72
N LYS B 210 -4.30 -18.91 -9.39
CA LYS B 210 -3.87 -19.02 -10.82
C LYS B 210 -5.05 -19.15 -11.79
N SER B 211 -6.28 -19.12 -11.27
CA SER B 211 -7.54 -19.10 -12.07
C SER B 211 -7.80 -17.70 -12.65
N PHE B 212 -7.06 -16.67 -12.22
CA PHE B 212 -7.30 -15.24 -12.60
C PHE B 212 -6.54 -14.89 -13.88
N ALA B 213 -5.70 -15.77 -14.38
CA ALA B 213 -4.79 -15.45 -15.51
C ALA B 213 -5.10 -16.34 -16.73
N GLY B 214 -6.33 -16.86 -16.82
CA GLY B 214 -6.74 -17.99 -17.68
C GLY B 214 -7.61 -17.46 -18.80
N ALA B 215 -8.21 -18.33 -19.62
CA ALA B 215 -9.02 -17.94 -20.81
C ALA B 215 -10.16 -16.92 -20.44
N ASP B 216 -10.91 -17.17 -19.34
CA ASP B 216 -12.03 -16.31 -18.89
C ASP B 216 -11.56 -15.28 -17.83
N PHE B 217 -10.35 -14.71 -17.97
CA PHE B 217 -9.74 -13.79 -16.98
C PHE B 217 -10.63 -12.54 -16.85
N GLU B 218 -11.33 -12.17 -17.92
CA GLU B 218 -12.19 -10.96 -17.86
C GLU B 218 -13.29 -11.14 -16.83
N ALA B 219 -13.74 -12.36 -16.52
CA ALA B 219 -14.75 -12.57 -15.44
C ALA B 219 -14.26 -11.99 -14.11
N GLY B 220 -12.96 -11.89 -13.84
CA GLY B 220 -12.46 -11.32 -12.57
C GLY B 220 -12.42 -9.81 -12.54
N MET B 221 -12.55 -9.15 -13.69
CA MET B 221 -12.40 -7.68 -13.84
C MET B 221 -13.78 -7.02 -13.77
N MET B 222 -14.43 -7.23 -12.64
CA MET B 222 -15.85 -6.87 -12.45
C MET B 222 -16.05 -5.36 -12.28
N TRP B 223 -15.00 -4.58 -12.03
CA TRP B 223 -15.05 -3.10 -12.07
C TRP B 223 -15.49 -2.66 -13.47
N ARG B 224 -15.32 -3.49 -14.51
CA ARG B 224 -15.79 -3.18 -15.90
C ARG B 224 -17.30 -3.41 -16.07
N GLU B 225 -17.98 -4.05 -15.13
CA GLU B 225 -19.32 -4.60 -15.35
C GLU B 225 -20.34 -4.05 -14.36
N VAL B 226 -19.95 -3.43 -13.24
CA VAL B 226 -20.88 -3.27 -12.08
C VAL B 226 -21.88 -2.15 -12.38
N TYR B 227 -21.62 -1.32 -13.39
CA TYR B 227 -22.64 -0.37 -13.91
C TYR B 227 -23.86 -1.15 -14.35
N ARG B 228 -23.79 -2.45 -14.59
CA ARG B 228 -25.03 -3.22 -14.92
C ARG B 228 -25.82 -3.59 -13.67
N LEU B 229 -25.34 -3.38 -12.45
CA LEU B 229 -26.18 -3.80 -11.29
C LEU B 229 -27.33 -2.82 -11.06
N ARG B 230 -28.52 -3.35 -10.83
CA ARG B 230 -29.78 -2.57 -10.64
C ARG B 230 -30.19 -2.50 -9.17
N GLN B 231 -29.71 -3.42 -8.33
CA GLN B 231 -30.09 -3.45 -6.89
C GLN B 231 -29.25 -2.47 -6.08
N PRO B 232 -29.74 -2.11 -4.89
CA PRO B 232 -28.94 -1.40 -3.91
C PRO B 232 -27.71 -2.24 -3.51
N VAL B 233 -26.56 -1.57 -3.39
CA VAL B 233 -25.28 -2.19 -2.99
C VAL B 233 -24.60 -1.33 -1.92
N LEU B 234 -24.28 -1.97 -0.80
CA LEU B 234 -23.55 -1.35 0.31
C LEU B 234 -22.10 -1.83 0.27
N LEU B 235 -21.19 -0.94 -0.14
CA LEU B 235 -19.72 -1.11 -0.04
C LEU B 235 -19.31 -0.79 1.40
N ILE B 236 -18.60 -1.69 2.07
CA ILE B 236 -18.05 -1.40 3.43
C ILE B 236 -16.56 -1.63 3.43
N TRP B 237 -15.80 -0.65 3.92
CA TRP B 237 -14.34 -0.65 3.87
C TRP B 237 -13.80 -0.30 5.23
N GLY B 238 -12.76 -1.03 5.66
CA GLY B 238 -11.91 -0.54 6.74
C GLY B 238 -10.95 0.47 6.15
N ARG B 239 -10.84 1.65 6.76
CA ARG B 239 -9.94 2.71 6.26
C ARG B 239 -8.54 2.13 6.14
N GLU B 240 -8.13 1.29 7.07
CA GLU B 240 -6.74 0.75 7.13
C GLU B 240 -6.62 -0.63 6.46
N ASP B 241 -7.47 -0.97 5.52
CA ASP B 241 -7.40 -2.27 4.81
C ASP B 241 -6.12 -2.28 3.96
N ARG B 242 -5.20 -3.23 4.24
CA ARG B 242 -3.89 -3.36 3.54
C ARG B 242 -3.94 -4.45 2.45
N VAL B 243 -5.02 -5.20 2.33
CA VAL B 243 -5.15 -6.29 1.34
C VAL B 243 -5.84 -5.67 0.12
N ASN B 244 -7.03 -5.12 0.33
CA ASN B 244 -7.83 -4.41 -0.71
C ASN B 244 -8.06 -2.99 -0.21
N PRO B 245 -7.14 -2.05 -0.45
CA PRO B 245 -7.27 -0.73 0.14
C PRO B 245 -8.44 0.06 -0.48
N LEU B 246 -8.82 1.10 0.25
CA LEU B 246 -9.98 1.96 -0.02
C LEU B 246 -10.01 2.51 -1.43
N ASP B 247 -8.86 2.88 -2.02
CA ASP B 247 -8.80 3.36 -3.44
C ASP B 247 -9.46 2.35 -4.39
N GLY B 248 -9.62 1.09 -3.99
CA GLY B 248 -10.32 0.08 -4.80
C GLY B 248 -11.83 0.26 -4.80
N ALA B 249 -12.38 1.13 -3.97
CA ALA B 249 -13.84 1.30 -3.82
C ALA B 249 -14.37 2.21 -4.93
N LEU B 250 -13.52 3.06 -5.51
CA LEU B 250 -13.98 4.30 -6.20
C LEU B 250 -14.74 3.99 -7.47
N VAL B 251 -14.27 3.08 -8.31
CA VAL B 251 -15.00 2.78 -9.56
C VAL B 251 -16.36 2.14 -9.27
N ALA B 252 -16.44 1.24 -8.33
CA ALA B 252 -17.73 0.63 -7.94
C ALA B 252 -18.64 1.71 -7.37
N LEU B 253 -18.14 2.58 -6.50
CA LEU B 253 -19.02 3.63 -5.92
C LEU B 253 -19.57 4.54 -7.04
N LYS B 254 -18.72 4.92 -8.00
CA LYS B 254 -19.08 5.79 -9.11
C LYS B 254 -20.09 5.10 -10.04
N THR B 255 -19.90 3.84 -10.43
CA THR B 255 -20.63 3.22 -11.55
C THR B 255 -21.85 2.37 -11.15
N ILE B 256 -21.98 1.97 -9.90
CA ILE B 256 -23.21 1.29 -9.42
C ILE B 256 -24.25 2.34 -9.10
N PRO B 257 -25.36 2.42 -9.86
CA PRO B 257 -26.36 3.48 -9.64
C PRO B 257 -26.84 3.60 -8.20
N ARG B 258 -27.21 2.51 -7.56
CA ARG B 258 -27.80 2.55 -6.19
C ARG B 258 -26.75 2.14 -5.14
N ALA B 259 -25.53 2.61 -5.31
CA ALA B 259 -24.43 2.33 -4.35
C ALA B 259 -24.46 3.25 -3.13
N GLN B 260 -23.99 2.70 -2.01
CA GLN B 260 -23.57 3.45 -0.81
C GLN B 260 -22.20 2.90 -0.44
N LEU B 261 -21.49 3.69 0.36
CA LEU B 261 -20.14 3.33 0.83
C LEU B 261 -20.12 3.69 2.29
N HIS B 262 -19.69 2.79 3.15
CA HIS B 262 -19.43 3.14 4.55
C HIS B 262 -17.98 2.80 4.82
N VAL B 263 -17.16 3.80 5.20
CA VAL B 263 -15.76 3.58 5.63
C VAL B 263 -15.68 3.68 7.15
N PHE B 264 -15.05 2.69 7.79
CA PHE B 264 -14.74 2.69 9.24
C PHE B 264 -13.27 3.05 9.46
N GLY B 265 -12.97 4.14 10.13
CA GLY B 265 -11.60 4.39 10.60
C GLY B 265 -11.21 3.39 11.67
N GLN B 266 -9.93 3.14 11.78
CA GLN B 266 -9.41 2.19 12.80
C GLN B 266 -10.02 0.83 12.50
N CYS B 267 -9.84 0.37 11.26
CA CYS B 267 -10.44 -0.89 10.83
C CYS B 267 -9.66 -1.39 9.64
N GLY B 268 -9.38 -2.69 9.64
CA GLY B 268 -8.72 -3.36 8.51
C GLY B 268 -9.68 -4.16 7.65
N HIS B 269 -9.16 -5.21 7.03
CA HIS B 269 -9.85 -6.11 6.10
C HIS B 269 -10.90 -7.00 6.79
N TRP B 270 -10.82 -7.24 8.09
CA TRP B 270 -11.73 -8.18 8.78
C TRP B 270 -12.87 -7.37 9.40
N VAL B 271 -13.53 -6.59 8.55
CA VAL B 271 -14.55 -5.58 8.93
C VAL B 271 -15.58 -6.23 9.86
N GLN B 272 -16.10 -7.41 9.51
CA GLN B 272 -17.24 -8.00 10.27
C GLN B 272 -16.83 -8.40 11.69
N VAL B 273 -15.54 -8.56 11.98
CA VAL B 273 -15.01 -8.86 13.35
C VAL B 273 -14.56 -7.57 14.02
N GLU B 274 -13.75 -6.73 13.37
CA GLU B 274 -13.13 -5.53 13.98
C GLU B 274 -14.18 -4.47 14.28
N LYS B 275 -15.28 -4.38 13.54
CA LYS B 275 -16.39 -3.42 13.80
C LYS B 275 -17.66 -4.25 13.91
N PHE B 276 -17.60 -5.33 14.66
CA PHE B 276 -18.68 -6.34 14.83
C PHE B 276 -20.04 -5.63 14.97
N ASP B 277 -20.23 -4.79 15.99
CA ASP B 277 -21.56 -4.23 16.31
C ASP B 277 -21.99 -3.27 15.20
N GLU B 278 -21.13 -2.31 14.82
CA GLU B 278 -21.47 -1.35 13.75
C GLU B 278 -21.72 -2.12 12.46
N PHE B 279 -20.93 -3.14 12.13
CA PHE B 279 -21.18 -3.93 10.90
C PHE B 279 -22.59 -4.58 10.94
N ASN B 280 -22.90 -5.29 12.01
CA ASN B 280 -24.18 -6.04 12.09
C ASN B 280 -25.35 -5.09 11.99
N LYS B 281 -25.26 -3.91 12.60
CA LYS B 281 -26.37 -2.92 12.54
C LYS B 281 -26.51 -2.40 11.13
N LEU B 282 -25.42 -2.05 10.43
CA LEU B 282 -25.55 -1.59 9.04
C LEU B 282 -26.24 -2.68 8.22
N THR B 283 -25.81 -3.92 8.39
CA THR B 283 -26.29 -5.02 7.53
C THR B 283 -27.79 -5.22 7.80
N ILE B 284 -28.19 -5.34 9.05
CA ILE B 284 -29.63 -5.59 9.38
C ILE B 284 -30.48 -4.48 8.77
N GLU B 285 -30.11 -3.21 8.96
CA GLU B 285 -30.84 -2.01 8.43
C GLU B 285 -30.85 -1.98 6.89
N PHE B 286 -29.72 -2.20 6.22
CA PHE B 286 -29.70 -2.14 4.75
C PHE B 286 -30.55 -3.26 4.18
N LEU B 287 -30.50 -4.45 4.78
CA LEU B 287 -31.25 -5.63 4.25
C LEU B 287 -32.72 -5.59 4.69
N GLY B 288 -33.21 -4.48 5.25
CA GLY B 288 -34.63 -4.29 5.61
C GLY B 288 -34.79 -4.39 7.11
N GLY B 289 -34.87 -5.61 7.66
CA GLY B 289 -34.86 -5.79 9.13
C GLY B 289 -35.47 -7.08 9.64
N GLY B 290 -36.06 -7.89 8.74
CA GLY B 290 -36.43 -9.32 8.92
C GLY B 290 -37.61 -9.48 9.86
#